data_1UKA
#
_entry.id   1UKA
#
_cell.length_a   77.019
_cell.length_b   116.444
_cell.length_c   78.562
_cell.angle_alpha   90.00
_cell.angle_beta   90.00
_cell.angle_gamma   90.00
#
_symmetry.space_group_name_H-M   'C 2 2 21'
#
loop_
_entity.id
_entity.type
_entity.pdbx_description
1 polymer '2-hydroxy-6-oxo-7-methylocta-2,4-dienoate hydrolase'
2 non-polymer '2-METHYLBUTANOIC ACID'
3 water water
#
_entity_poly.entity_id   1
_entity_poly.type   'polypeptide(L)'
_entity_poly.pdbx_seq_one_letter_code
;MANLEIGKSILAAGVLTNYHDVGEGQPVILIHGSGPGVSAYANWRLTIPALSKFYRVIAPDMVGFGFTDRPENYNYSKDS
WVDHIIGIMDALEIEKAHIVGNAFGGGLAIATALRYSERVDRMVLMGAAGTRFDVTEGLNAVWGYTPSIENMRNLLDIFA
YDRSLVTDELARLRYEASIQPGFQESFSSMFPEPRQRWIDALASSDEDIKTLPNETLIIHGREDQVVPLSSSLRLGELID
RAQLHVFGRCGHWTQIEQTDRFNRLVVEFFNEANTPKLVGRP
;
_entity_poly.pdbx_strand_id   A
#
loop_
_chem_comp.id
_chem_comp.type
_chem_comp.name
_chem_comp.formula
SMB non-polymer '2-METHYLBUTANOIC ACID' 'C5 H10 O2'
#
# COMPACT_ATOMS: atom_id res chain seq x y z
N ASN A 3 15.27 14.24 -7.40
CA ASN A 3 13.98 13.51 -7.29
C ASN A 3 13.84 12.93 -5.88
N LEU A 4 12.97 13.54 -5.08
CA LEU A 4 12.75 13.10 -3.71
C LEU A 4 12.22 11.67 -3.60
N GLU A 5 11.74 11.12 -4.71
CA GLU A 5 11.21 9.76 -4.68
C GLU A 5 12.35 8.76 -4.58
N ILE A 6 13.56 9.22 -4.91
CA ILE A 6 14.75 8.39 -4.84
C ILE A 6 15.31 8.54 -3.43
N GLY A 7 15.50 7.40 -2.75
CA GLY A 7 16.01 7.43 -1.40
C GLY A 7 17.34 6.72 -1.27
N LYS A 8 17.36 5.68 -0.43
CA LYS A 8 18.56 4.90 -0.22
C LYS A 8 18.41 3.59 -1.00
N SER A 9 19.51 2.88 -1.18
CA SER A 9 19.49 1.63 -1.93
C SER A 9 20.05 0.49 -1.10
N ILE A 10 19.41 -0.68 -1.20
CA ILE A 10 19.87 -1.84 -0.47
C ILE A 10 19.42 -3.12 -1.17
N LEU A 11 20.25 -4.16 -1.07
CA LEU A 11 19.92 -5.44 -1.67
C LEU A 11 18.98 -6.16 -0.71
N ALA A 12 17.80 -6.51 -1.20
CA ALA A 12 16.81 -7.20 -0.39
C ALA A 12 16.18 -8.33 -1.20
N ALA A 13 16.26 -9.55 -0.69
CA ALA A 13 15.72 -10.71 -1.39
C ALA A 13 16.33 -10.77 -2.81
N GLY A 14 17.59 -10.37 -2.92
CA GLY A 14 18.27 -10.39 -4.21
C GLY A 14 17.91 -9.28 -5.18
N VAL A 15 17.10 -8.32 -4.72
CA VAL A 15 16.70 -7.21 -5.59
C VAL A 15 17.20 -5.87 -5.05
N LEU A 16 17.85 -5.08 -5.90
CA LEU A 16 18.33 -3.78 -5.49
C LEU A 16 17.06 -2.97 -5.23
N THR A 17 16.89 -2.51 -3.99
CA THR A 17 15.69 -1.82 -3.57
C THR A 17 15.82 -0.37 -3.16
N ASN A 18 14.93 0.48 -3.68
CA ASN A 18 14.92 1.90 -3.33
C ASN A 18 14.02 2.02 -2.11
N TYR A 19 14.49 2.71 -1.08
CA TYR A 19 13.68 2.85 0.12
C TYR A 19 14.01 4.10 0.92
N HIS A 20 13.11 4.44 1.82
CA HIS A 20 13.29 5.58 2.69
C HIS A 20 13.36 5.04 4.11
N ASP A 21 14.21 5.65 4.93
CA ASP A 21 14.41 5.20 6.30
C ASP A 21 14.59 6.45 7.14
N VAL A 22 13.56 6.82 7.89
CA VAL A 22 13.60 8.03 8.71
C VAL A 22 13.10 7.77 10.13
N GLY A 23 13.78 8.37 11.11
CA GLY A 23 13.38 8.20 12.49
C GLY A 23 14.18 7.16 13.25
N GLU A 24 13.90 7.02 14.54
CA GLU A 24 14.58 6.07 15.41
C GLU A 24 13.57 5.40 16.34
N GLY A 25 13.92 4.22 16.84
CA GLY A 25 13.04 3.51 17.75
C GLY A 25 12.36 2.30 17.14
N GLN A 26 11.13 2.06 17.58
CA GLN A 26 10.34 0.93 17.09
C GLN A 26 10.17 1.03 15.57
N PRO A 27 10.48 -0.04 14.85
CA PRO A 27 10.33 0.00 13.39
C PRO A 27 8.90 -0.13 12.88
N VAL A 28 8.60 0.62 11.84
CA VAL A 28 7.30 0.60 11.20
C VAL A 28 7.56 0.49 9.71
N ILE A 29 6.98 -0.51 9.05
CA ILE A 29 7.16 -0.68 7.61
C ILE A 29 5.91 -0.15 6.91
N LEU A 30 6.10 0.80 5.98
CA LEU A 30 4.97 1.35 5.24
C LEU A 30 4.98 0.70 3.85
N ILE A 31 3.87 0.07 3.47
CA ILE A 31 3.78 -0.58 2.16
C ILE A 31 2.75 0.15 1.30
N HIS A 32 3.23 0.77 0.22
CA HIS A 32 2.39 1.54 -0.69
C HIS A 32 1.37 0.72 -1.47
N GLY A 33 0.42 1.42 -2.07
CA GLY A 33 -0.60 0.76 -2.86
C GLY A 33 -0.11 0.54 -4.28
N SER A 34 -1.00 0.08 -5.15
CA SER A 34 -0.62 -0.15 -6.54
C SER A 34 -1.30 0.89 -7.41
N GLY A 35 -0.66 1.18 -8.53
CA GLY A 35 -1.20 2.17 -9.45
C GLY A 35 -0.05 2.66 -10.29
N PRO A 36 -0.34 3.26 -11.45
CA PRO A 36 0.73 3.76 -12.33
C PRO A 36 1.54 4.88 -11.69
N GLY A 37 2.85 4.70 -11.65
CA GLY A 37 3.73 5.71 -11.09
C GLY A 37 3.79 5.72 -9.57
N VAL A 38 3.09 4.81 -8.92
CA VAL A 38 3.10 4.78 -7.46
C VAL A 38 4.49 4.42 -6.95
N SER A 39 4.82 4.95 -5.77
CA SER A 39 6.11 4.68 -5.15
C SER A 39 5.90 4.91 -3.67
N ALA A 40 6.88 4.54 -2.85
CA ALA A 40 6.76 4.74 -1.42
C ALA A 40 6.66 6.23 -1.07
N TYR A 41 7.47 7.06 -1.72
CA TYR A 41 7.44 8.49 -1.43
C TYR A 41 6.12 9.13 -1.84
N ALA A 42 5.65 8.80 -3.04
CA ALA A 42 4.39 9.36 -3.54
C ALA A 42 3.23 9.02 -2.61
N ASN A 43 3.27 7.81 -2.05
CA ASN A 43 2.23 7.34 -1.14
C ASN A 43 2.35 7.86 0.29
N TRP A 44 3.57 7.93 0.79
CA TRP A 44 3.79 8.29 2.18
C TRP A 44 4.48 9.61 2.53
N ARG A 45 4.64 10.50 1.55
CA ARG A 45 5.30 11.77 1.81
C ARG A 45 4.73 12.59 2.97
N LEU A 46 3.42 12.49 3.19
CA LEU A 46 2.77 13.25 4.26
C LEU A 46 2.62 12.43 5.54
N THR A 47 3.04 11.17 5.50
CA THR A 47 2.92 10.27 6.64
C THR A 47 4.24 10.08 7.37
N ILE A 48 5.32 9.92 6.59
CA ILE A 48 6.64 9.70 7.16
C ILE A 48 7.06 10.77 8.18
N PRO A 49 6.90 12.06 7.84
CA PRO A 49 7.28 13.14 8.76
C PRO A 49 6.63 13.02 10.14
N ALA A 50 5.33 12.76 10.16
CA ALA A 50 4.59 12.63 11.42
C ALA A 50 5.01 11.40 12.22
N LEU A 51 5.04 10.25 11.57
CA LEU A 51 5.41 9.01 12.24
C LEU A 51 6.87 8.93 12.67
N SER A 52 7.77 9.48 11.86
CA SER A 52 9.20 9.43 12.15
C SER A 52 9.59 10.20 13.41
N LYS A 53 8.64 10.94 13.97
CA LYS A 53 8.92 11.70 15.18
C LYS A 53 8.91 10.78 16.39
N PHE A 54 8.27 9.62 16.23
CA PHE A 54 8.16 8.66 17.33
C PHE A 54 8.61 7.25 16.97
N TYR A 55 8.80 6.98 15.68
CA TYR A 55 9.19 5.65 15.22
C TYR A 55 10.24 5.67 14.12
N ARG A 56 10.84 4.51 13.85
CA ARG A 56 11.78 4.41 12.75
C ARG A 56 10.87 3.97 11.61
N VAL A 57 10.75 4.81 10.59
CA VAL A 57 9.87 4.52 9.46
C VAL A 57 10.61 4.06 8.21
N ILE A 58 10.26 2.86 7.76
CA ILE A 58 10.88 2.28 6.58
C ILE A 58 9.82 2.18 5.49
N ALA A 59 10.06 2.83 4.35
CA ALA A 59 9.12 2.82 3.25
C ALA A 59 9.83 2.45 1.95
N PRO A 60 9.75 1.18 1.55
CA PRO A 60 10.40 0.68 0.33
C PRO A 60 9.51 0.70 -0.90
N ASP A 61 10.15 0.77 -2.07
CA ASP A 61 9.39 0.70 -3.32
C ASP A 61 9.32 -0.79 -3.58
N MET A 62 8.11 -1.36 -3.61
CA MET A 62 7.95 -2.79 -3.85
C MET A 62 8.45 -3.13 -5.25
N VAL A 63 8.98 -4.34 -5.44
CA VAL A 63 9.51 -4.74 -6.74
C VAL A 63 8.45 -4.54 -7.83
N GLY A 64 8.85 -3.88 -8.92
CA GLY A 64 7.94 -3.62 -10.02
C GLY A 64 7.37 -2.21 -9.97
N PHE A 65 7.61 -1.53 -8.85
CA PHE A 65 7.13 -0.17 -8.64
C PHE A 65 8.30 0.75 -8.28
N GLY A 66 8.07 2.06 -8.45
CA GLY A 66 9.07 3.03 -8.10
C GLY A 66 10.45 2.82 -8.71
N PHE A 67 11.47 3.10 -7.91
CA PHE A 67 12.85 2.99 -8.38
C PHE A 67 13.60 1.72 -7.97
N THR A 68 12.87 0.72 -7.50
CA THR A 68 13.49 -0.54 -7.16
C THR A 68 13.76 -1.23 -8.50
N ASP A 69 14.76 -2.09 -8.53
CA ASP A 69 15.09 -2.79 -9.77
C ASP A 69 13.91 -3.64 -10.25
N ARG A 70 13.77 -3.73 -11.57
CA ARG A 70 12.72 -4.53 -12.18
C ARG A 70 13.43 -5.70 -12.86
N PRO A 71 13.61 -6.81 -12.12
CA PRO A 71 14.28 -8.01 -12.63
C PRO A 71 13.68 -8.55 -13.92
N GLU A 72 14.55 -8.97 -14.83
CA GLU A 72 14.09 -9.52 -16.10
C GLU A 72 13.40 -10.84 -15.84
N ASN A 73 12.24 -11.04 -16.48
CA ASN A 73 11.48 -12.26 -16.31
C ASN A 73 11.05 -12.48 -14.87
N TYR A 74 10.94 -11.39 -14.11
CA TYR A 74 10.54 -11.50 -12.71
C TYR A 74 9.07 -11.93 -12.65
N ASN A 75 8.74 -12.76 -11.67
CA ASN A 75 7.37 -13.23 -11.51
C ASN A 75 6.66 -12.47 -10.41
N TYR A 76 5.88 -11.46 -10.79
CA TYR A 76 5.15 -10.66 -9.81
C TYR A 76 4.00 -11.49 -9.22
N SER A 77 4.05 -11.69 -7.91
CA SER A 77 3.02 -12.46 -7.21
C SER A 77 2.97 -12.07 -5.75
N LYS A 78 1.87 -12.41 -5.09
CA LYS A 78 1.70 -12.12 -3.67
C LYS A 78 2.87 -12.67 -2.86
N ASP A 79 3.20 -13.94 -3.08
CA ASP A 79 4.29 -14.56 -2.36
C ASP A 79 5.66 -13.95 -2.62
N SER A 80 5.92 -13.55 -3.86
CA SER A 80 7.21 -12.92 -4.18
C SER A 80 7.29 -11.54 -3.53
N TRP A 81 6.17 -10.83 -3.48
CA TRP A 81 6.17 -9.50 -2.86
C TRP A 81 6.36 -9.66 -1.36
N VAL A 82 5.76 -10.68 -0.77
CA VAL A 82 5.94 -10.93 0.66
C VAL A 82 7.42 -11.24 0.88
N ASP A 83 8.01 -12.00 -0.04
CA ASP A 83 9.44 -12.34 0.07
C ASP A 83 10.29 -11.07 0.06
N HIS A 84 9.86 -10.10 -0.74
CA HIS A 84 10.59 -8.84 -0.84
C HIS A 84 10.51 -8.09 0.49
N ILE A 85 9.31 -8.02 1.07
CA ILE A 85 9.13 -7.33 2.35
C ILE A 85 10.01 -7.97 3.41
N ILE A 86 9.99 -9.30 3.50
CA ILE A 86 10.80 -9.99 4.50
C ILE A 86 12.28 -9.78 4.20
N GLY A 87 12.64 -9.75 2.92
CA GLY A 87 14.02 -9.54 2.53
C GLY A 87 14.50 -8.16 2.96
N ILE A 88 13.61 -7.17 2.87
CA ILE A 88 13.95 -5.81 3.26
C ILE A 88 14.18 -5.75 4.77
N MET A 89 13.29 -6.39 5.52
CA MET A 89 13.40 -6.44 6.97
C MET A 89 14.70 -7.16 7.37
N ASP A 90 15.00 -8.28 6.71
CA ASP A 90 16.22 -9.02 7.00
C ASP A 90 17.44 -8.17 6.73
N ALA A 91 17.46 -7.51 5.57
CA ALA A 91 18.58 -6.66 5.18
C ALA A 91 18.86 -5.54 6.17
N LEU A 92 17.80 -5.05 6.84
CA LEU A 92 17.93 -3.97 7.80
C LEU A 92 17.95 -4.45 9.25
N GLU A 93 18.03 -5.76 9.45
CA GLU A 93 18.07 -6.36 10.78
C GLU A 93 16.82 -5.99 11.59
N ILE A 94 15.70 -5.89 10.90
CA ILE A 94 14.42 -5.58 11.54
C ILE A 94 13.78 -6.93 11.87
N GLU A 95 13.89 -7.36 13.12
CA GLU A 95 13.37 -8.65 13.54
C GLU A 95 11.84 -8.70 13.68
N LYS A 96 11.25 -7.60 14.11
CA LYS A 96 9.81 -7.52 14.25
C LYS A 96 9.42 -6.07 14.03
N ALA A 97 8.31 -5.83 13.35
CA ALA A 97 7.90 -4.44 13.10
C ALA A 97 6.40 -4.31 12.92
N HIS A 98 5.91 -3.08 13.07
CA HIS A 98 4.50 -2.81 12.82
C HIS A 98 4.47 -2.62 11.31
N ILE A 99 3.32 -2.85 10.70
CA ILE A 99 3.22 -2.66 9.25
C ILE A 99 1.95 -1.90 8.91
N VAL A 100 2.09 -0.92 8.03
CA VAL A 100 0.97 -0.13 7.55
C VAL A 100 0.88 -0.47 6.08
N GLY A 101 -0.25 -1.04 5.65
CA GLY A 101 -0.41 -1.41 4.26
C GLY A 101 -1.54 -0.68 3.57
N ASN A 102 -1.23 0.00 2.48
CA ASN A 102 -2.25 0.73 1.73
C ASN A 102 -2.75 -0.05 0.54
N ALA A 103 -4.03 -0.41 0.58
CA ALA A 103 -4.69 -1.15 -0.50
C ALA A 103 -3.90 -2.39 -0.88
N PHE A 104 -3.29 -2.37 -2.06
CA PHE A 104 -2.45 -3.46 -2.52
C PHE A 104 -1.50 -3.85 -1.39
N GLY A 105 -0.91 -2.83 -0.77
CA GLY A 105 0.03 -3.06 0.32
C GLY A 105 -0.63 -3.68 1.55
N GLY A 106 -1.92 -3.44 1.71
CA GLY A 106 -2.65 -4.01 2.83
C GLY A 106 -2.80 -5.50 2.62
N GLY A 107 -2.98 -5.90 1.37
CA GLY A 107 -3.11 -7.31 1.05
C GLY A 107 -1.78 -7.99 1.36
N LEU A 108 -0.68 -7.32 1.03
CA LEU A 108 0.65 -7.86 1.28
C LEU A 108 0.93 -7.94 2.78
N ALA A 109 0.46 -6.95 3.53
CA ALA A 109 0.67 -6.93 4.98
C ALA A 109 0.00 -8.15 5.61
N ILE A 110 -1.25 -8.42 5.21
CA ILE A 110 -1.97 -9.57 5.73
C ILE A 110 -1.22 -10.86 5.40
N ALA A 111 -0.80 -10.97 4.14
CA ALA A 111 -0.08 -12.16 3.69
C ALA A 111 1.25 -12.33 4.44
N THR A 112 1.91 -11.22 4.74
CA THR A 112 3.18 -11.29 5.46
C THR A 112 2.93 -11.74 6.90
N ALA A 113 1.90 -11.20 7.52
CA ALA A 113 1.57 -11.57 8.90
C ALA A 113 1.17 -13.04 9.01
N LEU A 114 0.65 -13.61 7.93
CA LEU A 114 0.24 -15.01 7.93
C LEU A 114 1.40 -15.98 7.73
N ARG A 115 2.34 -15.61 6.87
CA ARG A 115 3.50 -16.46 6.61
C ARG A 115 4.64 -16.25 7.61
N TYR A 116 4.73 -15.03 8.13
CA TYR A 116 5.78 -14.66 9.07
C TYR A 116 5.19 -13.96 10.29
N SER A 117 4.25 -14.64 10.93
CA SER A 117 3.58 -14.08 12.10
C SER A 117 4.48 -13.49 13.17
N GLU A 118 5.61 -14.14 13.42
CA GLU A 118 6.53 -13.64 14.45
C GLU A 118 7.28 -12.37 14.06
N ARG A 119 7.26 -12.04 12.78
CA ARG A 119 7.96 -10.85 12.29
C ARG A 119 7.07 -9.61 12.28
N VAL A 120 5.76 -9.81 12.47
CA VAL A 120 4.82 -8.70 12.45
C VAL A 120 4.15 -8.45 13.80
N ASP A 121 4.15 -7.19 14.23
CA ASP A 121 3.53 -6.81 15.50
C ASP A 121 2.13 -6.28 15.20
N ARG A 122 1.96 -4.96 15.21
CA ARG A 122 0.65 -4.39 14.90
C ARG A 122 0.50 -4.04 13.43
N MET A 123 -0.73 -4.09 12.94
CA MET A 123 -1.01 -3.79 11.54
C MET A 123 -2.07 -2.72 11.36
N VAL A 124 -1.87 -1.88 10.34
CA VAL A 124 -2.82 -0.85 9.96
C VAL A 124 -3.12 -1.22 8.51
N LEU A 125 -4.39 -1.48 8.21
CA LEU A 125 -4.80 -1.86 6.87
C LEU A 125 -5.71 -0.77 6.33
N MET A 126 -5.29 -0.11 5.26
CA MET A 126 -6.06 0.99 4.67
C MET A 126 -6.65 0.64 3.30
N GLY A 127 -7.97 0.74 3.17
CA GLY A 127 -8.64 0.41 1.90
C GLY A 127 -7.95 -0.81 1.32
N ALA A 128 -7.59 -1.71 2.23
CA ALA A 128 -6.84 -2.90 1.92
C ALA A 128 -7.41 -4.02 1.06
N ALA A 129 -6.53 -4.60 0.26
CA ALA A 129 -6.88 -5.75 -0.53
C ALA A 129 -6.69 -6.82 0.55
N GLY A 130 -7.04 -8.06 0.27
CA GLY A 130 -6.90 -9.08 1.29
C GLY A 130 -8.12 -9.98 1.37
N THR A 131 -9.24 -9.49 0.87
CA THR A 131 -10.47 -10.27 0.83
C THR A 131 -10.90 -10.30 -0.63
N ARG A 132 -11.72 -11.27 -1.00
CA ARG A 132 -12.19 -11.36 -2.37
C ARG A 132 -13.42 -10.49 -2.57
N PHE A 133 -13.24 -9.34 -3.19
CA PHE A 133 -14.37 -8.46 -3.46
C PHE A 133 -14.52 -8.37 -4.97
N ASP A 134 -15.74 -8.12 -5.43
CA ASP A 134 -15.97 -8.02 -6.87
C ASP A 134 -15.24 -6.83 -7.47
N VAL A 135 -14.61 -7.06 -8.62
CA VAL A 135 -13.87 -6.00 -9.29
C VAL A 135 -14.77 -4.79 -9.51
N THR A 136 -14.22 -3.61 -9.22
CA THR A 136 -14.93 -2.34 -9.38
C THR A 136 -14.38 -1.66 -10.64
N GLU A 137 -15.15 -0.73 -11.21
CA GLU A 137 -14.67 -0.03 -12.40
C GLU A 137 -13.45 0.80 -12.00
N GLY A 138 -13.46 1.31 -10.77
CA GLY A 138 -12.34 2.09 -10.30
C GLY A 138 -11.06 1.28 -10.31
N LEU A 139 -11.12 0.06 -9.80
CA LEU A 139 -9.94 -0.79 -9.77
C LEU A 139 -9.52 -1.18 -11.17
N ASN A 140 -10.48 -1.51 -12.02
CA ASN A 140 -10.13 -1.92 -13.38
C ASN A 140 -9.51 -0.76 -14.15
N ALA A 141 -9.94 0.46 -13.84
CA ALA A 141 -9.40 1.65 -14.50
C ALA A 141 -7.95 1.88 -14.06
N VAL A 142 -7.67 1.67 -12.78
CA VAL A 142 -6.33 1.87 -12.26
C VAL A 142 -5.37 0.82 -12.83
N TRP A 143 -5.72 -0.46 -12.68
CA TRP A 143 -4.87 -1.52 -13.19
C TRP A 143 -4.80 -1.57 -14.71
N GLY A 144 -5.83 -1.04 -15.37
CA GLY A 144 -5.85 -1.04 -16.83
C GLY A 144 -5.39 0.28 -17.44
N TYR A 145 -4.76 1.12 -16.63
CA TYR A 145 -4.27 2.41 -17.08
C TYR A 145 -3.26 2.33 -18.22
N THR A 146 -3.36 3.27 -19.15
CA THR A 146 -2.41 3.45 -20.23
C THR A 146 -2.14 4.95 -20.09
N PRO A 147 -0.90 5.39 -20.32
CA PRO A 147 -0.52 6.79 -20.19
C PRO A 147 -1.20 7.89 -20.99
N SER A 148 -1.58 8.94 -20.26
CA SER A 148 -2.18 10.15 -20.82
C SER A 148 -2.59 11.02 -19.63
N ILE A 149 -2.51 12.34 -19.80
CA ILE A 149 -2.89 13.22 -18.71
C ILE A 149 -4.37 13.06 -18.37
N GLU A 150 -5.20 12.82 -19.38
CA GLU A 150 -6.63 12.64 -19.15
C GLU A 150 -6.91 11.33 -18.39
N ASN A 151 -6.19 10.27 -18.74
CA ASN A 151 -6.40 9.00 -18.07
C ASN A 151 -5.95 9.11 -16.62
N MET A 152 -4.88 9.87 -16.39
CA MET A 152 -4.39 10.05 -15.03
C MET A 152 -5.36 10.93 -14.25
N ARG A 153 -5.91 11.94 -14.91
CA ARG A 153 -6.87 12.82 -14.25
C ARG A 153 -8.06 11.98 -13.78
N ASN A 154 -8.48 11.04 -14.62
CA ASN A 154 -9.60 10.18 -14.25
C ASN A 154 -9.24 9.32 -13.05
N LEU A 155 -8.03 8.78 -13.02
CA LEU A 155 -7.64 7.94 -11.88
C LEU A 155 -7.61 8.78 -10.61
N LEU A 156 -7.10 10.00 -10.70
CA LEU A 156 -7.05 10.86 -9.53
C LEU A 156 -8.47 11.15 -9.06
N ASP A 157 -9.38 11.36 -10.02
CA ASP A 157 -10.79 11.62 -9.67
C ASP A 157 -11.35 10.42 -8.95
N ILE A 158 -11.00 9.23 -9.43
CA ILE A 158 -11.47 7.98 -8.84
C ILE A 158 -10.99 7.83 -7.39
N PHE A 159 -9.77 8.28 -7.13
CA PHE A 159 -9.20 8.19 -5.78
C PHE A 159 -9.72 9.23 -4.80
N ALA A 160 -9.99 10.43 -5.32
CA ALA A 160 -10.42 11.54 -4.48
C ALA A 160 -11.90 11.70 -4.19
N TYR A 161 -12.18 12.18 -2.98
CA TYR A 161 -13.55 12.46 -2.59
C TYR A 161 -13.80 13.87 -3.09
N ASP A 162 -12.85 14.76 -2.79
CA ASP A 162 -12.93 16.16 -3.21
C ASP A 162 -12.16 16.31 -4.52
N ARG A 163 -12.88 16.33 -5.63
CA ARG A 163 -12.25 16.45 -6.93
C ARG A 163 -11.50 17.76 -7.16
N SER A 164 -11.72 18.75 -6.31
CA SER A 164 -11.03 20.04 -6.46
C SER A 164 -9.54 19.87 -6.19
N LEU A 165 -9.17 18.72 -5.62
CA LEU A 165 -7.77 18.44 -5.32
C LEU A 165 -7.05 17.94 -6.57
N VAL A 166 -7.83 17.52 -7.56
CA VAL A 166 -7.26 17.02 -8.81
C VAL A 166 -7.00 18.19 -9.75
N THR A 167 -5.80 18.76 -9.66
CA THR A 167 -5.41 19.89 -10.50
C THR A 167 -4.70 19.42 -11.76
N ASP A 168 -4.59 20.32 -12.73
CA ASP A 168 -3.91 19.99 -13.99
C ASP A 168 -2.45 19.67 -13.69
N GLU A 169 -1.88 20.40 -12.73
CA GLU A 169 -0.49 20.19 -12.34
C GLU A 169 -0.27 18.81 -11.75
N LEU A 170 -1.15 18.38 -10.86
CA LEU A 170 -1.00 17.07 -10.24
C LEU A 170 -1.14 15.97 -11.29
N ALA A 171 -2.13 16.10 -12.17
CA ALA A 171 -2.33 15.11 -13.22
C ALA A 171 -1.09 15.04 -14.11
N ARG A 172 -0.52 16.20 -14.41
CA ARG A 172 0.67 16.28 -15.26
C ARG A 172 1.85 15.60 -14.57
N LEU A 173 2.05 15.91 -13.30
CA LEU A 173 3.16 15.32 -12.56
C LEU A 173 3.03 13.82 -12.41
N ARG A 174 1.81 13.34 -12.12
CA ARG A 174 1.63 11.91 -11.97
C ARG A 174 1.72 11.20 -13.32
N TYR A 175 1.30 11.88 -14.38
CA TYR A 175 1.41 11.30 -15.72
C TYR A 175 2.90 11.09 -16.00
N GLU A 176 3.70 12.12 -15.74
CA GLU A 176 5.14 12.02 -15.97
C GLU A 176 5.77 10.89 -15.18
N ALA A 177 5.31 10.69 -13.95
CA ALA A 177 5.86 9.63 -13.13
C ALA A 177 5.53 8.27 -13.75
N SER A 178 4.33 8.16 -14.32
CA SER A 178 3.87 6.90 -14.91
C SER A 178 4.60 6.50 -16.18
N ILE A 179 5.25 7.44 -16.87
CA ILE A 179 5.94 7.09 -18.10
C ILE A 179 7.45 6.98 -17.97
N GLN A 180 7.96 6.95 -16.74
CA GLN A 180 9.40 6.82 -16.56
C GLN A 180 9.82 5.48 -17.16
N PRO A 181 11.08 5.37 -17.59
CA PRO A 181 11.59 4.14 -18.19
C PRO A 181 11.22 2.85 -17.47
N GLY A 182 10.53 1.97 -18.19
CA GLY A 182 10.13 0.68 -17.63
C GLY A 182 8.94 0.64 -16.70
N PHE A 183 8.49 1.81 -16.24
CA PHE A 183 7.36 1.87 -15.31
C PHE A 183 6.06 1.29 -15.85
N GLN A 184 5.58 1.81 -16.97
CA GLN A 184 4.33 1.33 -17.55
C GLN A 184 4.46 -0.12 -17.99
N GLU A 185 5.66 -0.49 -18.46
CA GLU A 185 5.91 -1.85 -18.91
C GLU A 185 5.70 -2.87 -17.79
N SER A 186 6.31 -2.64 -16.63
CA SER A 186 6.17 -3.57 -15.52
C SER A 186 4.76 -3.51 -14.95
N PHE A 187 4.22 -2.31 -14.78
CA PHE A 187 2.88 -2.15 -14.23
C PHE A 187 1.80 -2.85 -15.06
N SER A 188 1.82 -2.64 -16.38
CA SER A 188 0.83 -3.23 -17.25
C SER A 188 0.93 -4.76 -17.32
N SER A 189 2.11 -5.29 -16.99
CA SER A 189 2.32 -6.74 -17.02
C SER A 189 1.84 -7.40 -15.73
N MET A 190 1.61 -6.59 -14.70
CA MET A 190 1.21 -7.09 -13.40
C MET A 190 -0.19 -7.65 -13.24
N PHE A 191 -1.18 -6.90 -13.71
CA PHE A 191 -2.57 -7.31 -13.53
C PHE A 191 -3.41 -7.34 -14.80
N PRO A 192 -2.98 -8.15 -15.79
CA PRO A 192 -3.73 -8.23 -17.05
C PRO A 192 -5.13 -8.83 -16.92
N GLU A 193 -6.00 -8.46 -17.85
CA GLU A 193 -7.39 -8.95 -17.87
C GLU A 193 -7.42 -10.46 -18.01
N PRO A 194 -8.36 -11.13 -17.32
CA PRO A 194 -9.38 -10.59 -16.41
C PRO A 194 -8.74 -10.25 -15.07
N ARG A 195 -9.04 -9.07 -14.53
CA ARG A 195 -8.41 -8.65 -13.29
C ARG A 195 -8.95 -9.22 -11.99
N GLN A 196 -10.11 -9.88 -12.02
CA GLN A 196 -10.66 -10.47 -10.80
C GLN A 196 -9.65 -11.50 -10.28
N ARG A 197 -8.95 -12.15 -11.21
CA ARG A 197 -7.94 -13.15 -10.86
C ARG A 197 -6.93 -12.61 -9.86
N TRP A 198 -6.50 -11.37 -10.07
CA TRP A 198 -5.48 -10.76 -9.23
C TRP A 198 -6.00 -10.27 -7.88
N ILE A 199 -7.27 -9.86 -7.83
CA ILE A 199 -7.85 -9.44 -6.56
C ILE A 199 -7.87 -10.71 -5.71
N ASP A 200 -8.32 -11.81 -6.32
CA ASP A 200 -8.42 -13.09 -5.63
C ASP A 200 -7.05 -13.63 -5.21
N ALA A 201 -6.05 -13.45 -6.08
CA ALA A 201 -4.70 -13.92 -5.79
C ALA A 201 -4.05 -13.15 -4.64
N LEU A 202 -4.40 -11.88 -4.52
CA LEU A 202 -3.86 -11.03 -3.46
C LEU A 202 -4.58 -11.25 -2.13
N ALA A 203 -5.78 -11.81 -2.20
CA ALA A 203 -6.57 -12.05 -1.00
C ALA A 203 -6.10 -13.25 -0.19
N SER A 204 -6.50 -13.27 1.08
CA SER A 204 -6.19 -14.36 1.98
C SER A 204 -7.55 -14.95 2.36
N SER A 205 -7.58 -16.24 2.68
CA SER A 205 -8.85 -16.89 3.02
C SER A 205 -9.42 -16.42 4.35
N ASP A 206 -10.73 -16.51 4.48
CA ASP A 206 -11.39 -16.11 5.72
C ASP A 206 -10.78 -16.89 6.87
N GLU A 207 -10.61 -18.19 6.65
CA GLU A 207 -10.05 -19.09 7.66
C GLU A 207 -8.69 -18.63 8.14
N ASP A 208 -7.81 -18.26 7.21
CA ASP A 208 -6.47 -17.80 7.57
C ASP A 208 -6.51 -16.46 8.30
N ILE A 209 -7.30 -15.52 7.78
CA ILE A 209 -7.41 -14.21 8.38
C ILE A 209 -7.89 -14.29 9.83
N LYS A 210 -8.79 -15.22 10.10
CA LYS A 210 -9.31 -15.38 11.46
C LYS A 210 -8.24 -15.80 12.45
N THR A 211 -7.13 -16.36 11.94
CA THR A 211 -6.05 -16.80 12.83
C THR A 211 -5.08 -15.69 13.23
N LEU A 212 -5.20 -14.53 12.60
CA LEU A 212 -4.30 -13.41 12.91
C LEU A 212 -4.45 -12.96 14.36
N PRO A 213 -3.34 -13.00 15.13
CA PRO A 213 -3.37 -12.60 16.54
C PRO A 213 -3.04 -11.13 16.77
N ASN A 214 -2.58 -10.46 15.73
CA ASN A 214 -2.16 -9.06 15.81
C ASN A 214 -3.24 -8.02 16.09
N GLU A 215 -2.88 -7.03 16.91
CA GLU A 215 -3.78 -5.92 17.17
C GLU A 215 -3.79 -5.25 15.80
N THR A 216 -4.98 -5.00 15.26
CA THR A 216 -5.09 -4.43 13.93
C THR A 216 -6.03 -3.24 13.88
N LEU A 217 -5.67 -2.25 13.06
CA LEU A 217 -6.50 -1.06 12.86
C LEU A 217 -6.84 -1.03 11.38
N ILE A 218 -8.13 -1.15 11.08
CA ILE A 218 -8.61 -1.14 9.70
C ILE A 218 -9.19 0.23 9.40
N ILE A 219 -8.67 0.88 8.36
CA ILE A 219 -9.11 2.21 7.96
C ILE A 219 -9.68 2.20 6.55
N HIS A 220 -10.76 2.93 6.33
CA HIS A 220 -11.39 2.97 5.01
C HIS A 220 -12.15 4.28 4.82
N GLY A 221 -12.17 4.75 3.57
CA GLY A 221 -12.90 5.96 3.24
C GLY A 221 -14.28 5.53 2.80
N ARG A 222 -15.32 6.13 3.36
CA ARG A 222 -16.69 5.76 3.03
C ARG A 222 -16.96 5.72 1.52
N GLU A 223 -16.51 6.76 0.84
CA GLU A 223 -16.73 6.89 -0.59
C GLU A 223 -15.71 6.20 -1.51
N ASP A 224 -14.85 5.36 -0.94
CA ASP A 224 -13.83 4.66 -1.73
C ASP A 224 -14.45 4.01 -2.97
N GLN A 225 -13.97 4.40 -4.15
CA GLN A 225 -14.48 3.88 -5.42
C GLN A 225 -13.65 2.73 -5.97
N VAL A 226 -12.51 2.45 -5.34
CA VAL A 226 -11.61 1.40 -5.80
C VAL A 226 -11.84 0.08 -5.05
N VAL A 227 -11.73 0.14 -3.73
CA VAL A 227 -11.98 -1.03 -2.90
C VAL A 227 -13.23 -0.67 -2.09
N PRO A 228 -14.29 -1.47 -2.21
CA PRO A 228 -15.54 -1.21 -1.49
C PRO A 228 -15.42 -1.26 0.03
N LEU A 229 -16.17 -0.39 0.70
CA LEU A 229 -16.17 -0.34 2.16
C LEU A 229 -16.50 -1.71 2.72
N SER A 230 -17.37 -2.45 2.03
CA SER A 230 -17.78 -3.77 2.47
C SER A 230 -16.60 -4.71 2.73
N SER A 231 -15.50 -4.51 1.98
CA SER A 231 -14.33 -5.35 2.15
C SER A 231 -13.70 -5.13 3.52
N SER A 232 -13.60 -3.88 3.96
CA SER A 232 -13.02 -3.60 5.26
C SER A 232 -13.97 -3.99 6.39
N LEU A 233 -15.27 -3.94 6.11
CA LEU A 233 -16.25 -4.33 7.13
C LEU A 233 -16.05 -5.84 7.35
N ARG A 234 -15.77 -6.55 6.26
CA ARG A 234 -15.54 -7.98 6.34
C ARG A 234 -14.27 -8.26 7.14
N LEU A 235 -13.21 -7.51 6.86
CA LEU A 235 -11.97 -7.69 7.61
C LEU A 235 -12.22 -7.40 9.09
N GLY A 236 -13.10 -6.44 9.37
CA GLY A 236 -13.41 -6.08 10.74
C GLY A 236 -14.12 -7.18 11.51
N GLU A 237 -14.79 -8.07 10.78
CA GLU A 237 -15.51 -9.17 11.40
C GLU A 237 -14.61 -10.40 11.53
N LEU A 238 -13.64 -10.52 10.63
CA LEU A 238 -12.72 -11.65 10.62
C LEU A 238 -11.56 -11.56 11.61
N ILE A 239 -10.93 -10.40 11.68
CA ILE A 239 -9.79 -10.21 12.58
C ILE A 239 -10.28 -9.94 14.01
N ASP A 240 -9.86 -10.78 14.94
CA ASP A 240 -10.30 -10.64 16.33
C ASP A 240 -9.93 -9.35 17.02
N ARG A 241 -8.65 -9.05 17.15
CA ARG A 241 -8.23 -7.82 17.81
C ARG A 241 -8.22 -6.67 16.83
N ALA A 242 -9.37 -6.37 16.26
CA ALA A 242 -9.45 -5.31 15.28
C ALA A 242 -10.33 -4.13 15.66
N GLN A 243 -9.98 -2.98 15.11
CA GLN A 243 -10.74 -1.76 15.28
C GLN A 243 -10.95 -1.30 13.85
N LEU A 244 -12.13 -0.77 13.56
CA LEU A 244 -12.43 -0.28 12.23
C LEU A 244 -12.70 1.20 12.32
N HIS A 245 -12.05 1.99 11.47
CA HIS A 245 -12.30 3.42 11.47
C HIS A 245 -12.63 3.84 10.04
N VAL A 246 -13.85 4.29 9.85
CA VAL A 246 -14.32 4.72 8.55
C VAL A 246 -14.43 6.24 8.52
N PHE A 247 -13.76 6.84 7.53
CA PHE A 247 -13.79 8.30 7.37
C PHE A 247 -14.84 8.69 6.34
N GLY A 248 -15.83 9.47 6.75
CA GLY A 248 -16.82 9.94 5.80
C GLY A 248 -16.14 11.04 5.01
N ARG A 249 -16.66 11.34 3.81
CA ARG A 249 -16.08 12.37 2.96
C ARG A 249 -14.62 12.06 2.72
N CYS A 250 -14.35 10.82 2.30
CA CYS A 250 -12.99 10.39 2.06
C CYS A 250 -12.97 9.27 1.04
N GLY A 251 -12.03 9.36 0.10
CA GLY A 251 -11.91 8.36 -0.94
C GLY A 251 -10.92 7.25 -0.66
N HIS A 252 -10.23 6.81 -1.71
CA HIS A 252 -9.28 5.72 -1.61
C HIS A 252 -7.93 5.99 -0.95
N TRP A 253 -7.51 7.25 -0.88
CA TRP A 253 -6.24 7.52 -0.21
C TRP A 253 -6.46 8.42 1.00
N THR A 254 -6.86 7.74 2.07
CA THR A 254 -7.15 8.38 3.35
C THR A 254 -5.96 9.11 3.95
N GLN A 255 -4.75 8.67 3.65
CA GLN A 255 -3.55 9.32 4.20
C GLN A 255 -3.35 10.71 3.58
N ILE A 256 -4.04 10.99 2.48
CA ILE A 256 -3.94 12.27 1.81
C ILE A 256 -5.12 13.21 2.09
N GLU A 257 -6.33 12.67 2.08
CA GLU A 257 -7.52 13.47 2.32
C GLU A 257 -7.94 13.62 3.79
N GLN A 258 -7.39 12.79 4.66
CA GLN A 258 -7.68 12.85 6.09
C GLN A 258 -6.33 12.68 6.78
N THR A 259 -5.32 13.33 6.22
CA THR A 259 -3.95 13.27 6.70
C THR A 259 -3.74 13.38 8.21
N ASP A 260 -4.14 14.50 8.79
CA ASP A 260 -3.95 14.71 10.22
C ASP A 260 -4.67 13.67 11.08
N ARG A 261 -5.92 13.39 10.74
CA ARG A 261 -6.69 12.39 11.49
C ARG A 261 -6.03 11.02 11.37
N PHE A 262 -5.62 10.68 10.15
CA PHE A 262 -4.97 9.40 9.88
C PHE A 262 -3.68 9.27 10.68
N ASN A 263 -2.82 10.28 10.59
CA ASN A 263 -1.55 10.25 11.29
C ASN A 263 -1.75 10.13 12.80
N ARG A 264 -2.70 10.87 13.35
CA ARG A 264 -2.96 10.81 14.78
C ARG A 264 -3.43 9.42 15.21
N LEU A 265 -4.35 8.85 14.45
CA LEU A 265 -4.87 7.51 14.75
C LEU A 265 -3.77 6.46 14.73
N VAL A 266 -2.93 6.51 13.70
CA VAL A 266 -1.85 5.55 13.56
C VAL A 266 -0.80 5.67 14.67
N VAL A 267 -0.35 6.88 14.94
CA VAL A 267 0.65 7.08 16.00
C VAL A 267 0.13 6.61 17.37
N GLU A 268 -1.11 6.98 17.69
CA GLU A 268 -1.67 6.58 18.98
C GLU A 268 -1.88 5.08 19.06
N PHE A 269 -2.24 4.48 17.93
CA PHE A 269 -2.45 3.04 17.88
C PHE A 269 -1.12 2.33 18.18
N PHE A 270 -0.04 2.79 17.56
CA PHE A 270 1.26 2.16 17.80
C PHE A 270 1.78 2.50 19.20
N ASN A 271 1.42 3.67 19.69
CA ASN A 271 1.86 4.09 21.03
C ASN A 271 1.36 3.14 22.11
N GLU A 272 0.22 2.50 21.88
CA GLU A 272 -0.33 1.56 22.86
C GLU A 272 0.62 0.41 23.12
N ALA A 273 1.29 -0.05 22.06
CA ALA A 273 2.23 -1.16 22.17
C ALA A 273 3.36 -0.87 23.16
C1 SMB B . -6.18 -3.10 -4.70
C2 SMB B . -5.58 -2.45 -5.97
C3 SMB B . -5.81 -0.92 -5.96
C4 SMB B . -5.70 -0.36 -7.39
C5 SMB B . -4.77 -0.21 -5.05
O1 SMB B . -5.04 0.95 -4.57
O2 SMB B . -3.63 -0.76 -4.80
#